data_6NNV
#
_entry.id   6NNV
#
_cell.length_a   56.840
_cell.length_b   61.683
_cell.length_c   80.895
_cell.angle_alpha   90.00
_cell.angle_beta   90.17
_cell.angle_gamma   90.00
#
_symmetry.space_group_name_H-M   'P 1 21 1'
#
loop_
_entity.id
_entity.type
_entity.pdbx_description
1 polymer 'Programmed cell death 1 ligand 1'
2 polymer 'macrocyclic peptide'
3 water water
#
loop_
_entity_poly.entity_id
_entity_poly.type
_entity_poly.pdbx_seq_one_letter_code
_entity_poly.pdbx_strand_id
1 'polypeptide(L)'
;AFTVTVPKDLYVVEYGSNMTIECKFPVEKQLDLAALIVYWEMEDKNIIQFVHGEEDLKTQHSSYRQRARLLKDQLSLGNA
ALQITDVKLQDAGVYRCMISYGGADYKRITVKVNAPYAAALHEHHHH
;
A,B,C,D
2 'polypeptide(L)' (ACE)F(MEA)(9KK)(SAR)DV(MEA)Y(SAR)WYLCK(NH2) I,J,K,L
#
# COMPACT_ATOMS: atom_id res chain seq x y z
N ALA A 1 2.30 11.16 1.30
CA ALA A 1 1.66 11.12 2.60
C ALA A 1 2.48 10.30 3.60
N PHE A 2 2.25 10.53 4.88
CA PHE A 2 2.98 9.80 5.92
C PHE A 2 2.44 8.38 6.02
N THR A 3 3.31 7.40 5.72
CA THR A 3 2.92 6.00 5.71
C THR A 3 3.89 5.19 6.55
N VAL A 4 3.34 4.29 7.36
CA VAL A 4 4.12 3.34 8.13
C VAL A 4 4.05 1.99 7.43
N THR A 5 5.20 1.37 7.21
CA THR A 5 5.29 0.07 6.56
C THR A 5 5.79 -0.98 7.53
N VAL A 6 5.51 -2.24 7.21
CA VAL A 6 6.00 -3.39 7.95
C VAL A 6 6.75 -4.28 6.98
N PRO A 7 8.01 -4.62 7.24
CA PRO A 7 8.70 -5.57 6.34
C PRO A 7 8.08 -6.95 6.36
N LYS A 8 7.54 -7.37 7.50
CA LYS A 8 6.90 -8.68 7.64
C LYS A 8 5.67 -8.49 8.52
N ASP A 9 4.52 -8.93 8.03
CA ASP A 9 3.26 -8.77 8.75
C ASP A 9 2.86 -10.00 9.54
N LEU A 10 3.67 -11.06 9.53
CA LEU A 10 3.42 -12.24 10.35
C LEU A 10 4.76 -12.77 10.85
N TYR A 11 4.93 -12.84 12.16
CA TYR A 11 6.13 -13.36 12.78
C TYR A 11 5.82 -14.70 13.44
N VAL A 12 6.58 -15.73 13.08
CA VAL A 12 6.52 -17.02 13.76
C VAL A 12 7.78 -17.12 14.62
N VAL A 13 7.60 -17.10 15.93
CA VAL A 13 8.72 -17.09 16.87
C VAL A 13 8.64 -18.35 17.73
N GLU A 14 9.81 -18.78 18.20
CA GLU A 14 9.91 -19.95 19.06
C GLU A 14 9.74 -19.56 20.52
N TYR A 15 9.03 -20.40 21.26
CA TYR A 15 8.87 -20.19 22.70
C TYR A 15 10.22 -19.98 23.37
N GLY A 16 10.28 -18.98 24.25
CA GLY A 16 11.48 -18.68 25.00
C GLY A 16 12.55 -17.90 24.26
N SER A 17 12.37 -17.65 22.96
CA SER A 17 13.34 -16.88 22.20
C SER A 17 13.06 -15.40 22.36
N ASN A 18 13.86 -14.58 21.69
CA ASN A 18 13.65 -13.13 21.63
C ASN A 18 13.01 -12.78 20.30
N MET A 19 12.15 -11.77 20.32
CA MET A 19 11.43 -11.33 19.13
C MET A 19 11.66 -9.85 18.91
N THR A 20 11.87 -9.46 17.65
CA THR A 20 12.02 -8.06 17.28
C THR A 20 11.11 -7.81 16.07
N ILE A 21 10.00 -7.11 16.30
CA ILE A 21 9.04 -6.80 15.24
C ILE A 21 9.18 -5.32 14.91
N GLU A 22 9.14 -5.01 13.63
CA GLU A 22 9.60 -3.70 13.18
C GLU A 22 8.54 -2.98 12.37
N CYS A 23 8.41 -1.69 12.62
CA CYS A 23 7.63 -0.80 11.79
C CYS A 23 8.53 0.31 11.25
N LYS A 24 8.36 0.63 9.98
CA LYS A 24 9.21 1.59 9.31
C LYS A 24 8.41 2.85 9.03
N PHE A 25 9.03 4.01 9.27
CA PHE A 25 8.41 5.31 9.06
C PHE A 25 9.47 6.26 8.51
N PRO A 26 9.06 7.27 7.75
CA PRO A 26 10.04 8.16 7.11
C PRO A 26 10.68 9.11 8.11
N VAL A 27 12.01 9.22 8.05
CA VAL A 27 12.79 10.14 8.86
C VAL A 27 13.81 10.84 7.98
N GLU A 28 13.97 12.14 8.18
CA GLU A 28 14.98 12.92 7.45
C GLU A 28 16.38 12.63 7.99
N LYS A 29 17.33 13.52 7.69
CA LYS A 29 18.70 13.30 8.10
C LYS A 29 18.83 13.29 9.62
N GLN A 30 18.05 14.13 10.31
CA GLN A 30 18.08 14.22 11.76
C GLN A 30 16.71 13.91 12.33
N LEU A 31 16.69 13.34 13.52
CA LEU A 31 15.47 12.87 14.18
C LEU A 31 14.99 13.90 15.20
N ASP A 32 13.77 14.40 15.01
CA ASP A 32 13.15 15.35 15.94
C ASP A 32 12.48 14.56 17.05
N LEU A 33 13.16 14.49 18.20
CA LEU A 33 12.66 13.68 19.32
C LEU A 33 11.39 14.26 19.92
N ALA A 34 11.21 15.59 19.85
CA ALA A 34 10.00 16.19 20.42
C ALA A 34 8.76 15.81 19.64
N ALA A 35 8.89 15.61 18.33
CA ALA A 35 7.75 15.29 17.48
C ALA A 35 7.40 13.82 17.48
N LEU A 36 8.34 12.94 17.77
CA LEU A 36 8.11 11.50 17.67
C LEU A 36 7.28 10.99 18.84
N ILE A 37 6.19 10.31 18.53
CA ILE A 37 5.42 9.54 19.49
C ILE A 37 5.28 8.13 18.93
N VAL A 38 5.63 7.12 19.73
CA VAL A 38 5.50 5.73 19.32
C VAL A 38 4.71 4.99 20.40
N TYR A 39 3.76 4.17 19.98
CA TYR A 39 2.98 3.37 20.92
C TYR A 39 2.79 1.98 20.33
N TRP A 40 3.31 0.97 21.04
CA TRP A 40 3.11 -0.44 20.73
C TRP A 40 2.10 -1.01 21.71
N GLU A 41 1.05 -1.62 21.16
CA GLU A 41 -0.03 -2.22 21.95
C GLU A 41 -0.37 -3.60 21.41
N MET A 42 -0.90 -4.47 22.27
CA MET A 42 -1.48 -5.73 21.80
C MET A 42 -2.69 -6.05 22.65
N GLU A 43 -3.78 -6.40 21.97
CA GLU A 43 -5.03 -6.59 22.66
C GLU A 43 -5.19 -5.19 23.24
N ASP A 44 -5.41 -5.12 24.54
CA ASP A 44 -5.55 -3.89 25.31
C ASP A 44 -4.42 -3.75 26.33
N LYS A 45 -3.23 -4.20 25.97
CA LYS A 45 -2.06 -4.14 26.84
C LYS A 45 -1.09 -3.10 26.32
N ASN A 46 -0.75 -2.13 27.17
CA ASN A 46 0.24 -1.10 26.88
C ASN A 46 1.63 -1.75 26.90
N ILE A 47 2.21 -1.97 25.72
CA ILE A 47 3.54 -2.55 25.64
C ILE A 47 4.59 -1.46 25.80
N ILE A 48 4.65 -0.54 24.84
CA ILE A 48 5.69 0.48 24.84
C ILE A 48 5.06 1.82 24.52
N GLN A 49 5.38 2.85 25.32
CA GLN A 49 4.92 4.21 25.12
C GLN A 49 6.14 5.12 25.11
N PHE A 50 6.42 5.73 23.96
CA PHE A 50 7.66 6.46 23.73
C PHE A 50 7.32 7.89 23.36
N VAL A 51 7.71 8.83 24.24
CA VAL A 51 7.42 10.25 24.12
C VAL A 51 8.64 11.03 24.57
N HIS A 52 8.99 12.09 23.83
CA HIS A 52 10.08 13.00 24.19
C HIS A 52 11.41 12.24 24.34
N GLY A 53 11.64 11.28 23.45
CA GLY A 53 12.89 10.56 23.42
C GLY A 53 13.08 9.51 24.48
N GLU A 54 12.06 9.23 25.30
CA GLU A 54 12.18 8.27 26.39
C GLU A 54 10.93 7.40 26.45
N GLU A 55 11.13 6.14 26.85
CA GLU A 55 10.01 5.26 27.14
C GLU A 55 9.29 5.71 28.41
N ASP A 56 7.97 5.65 28.38
CA ASP A 56 7.15 5.93 29.56
C ASP A 56 6.76 4.60 30.19
N LEU A 57 7.38 4.27 31.33
CA LEU A 57 7.16 3.00 31.98
C LEU A 57 6.02 3.03 33.00
N LYS A 58 5.50 4.22 33.32
CA LYS A 58 4.41 4.32 34.30
C LYS A 58 3.13 3.68 33.80
N THR A 59 2.93 3.59 32.49
CA THR A 59 1.73 3.03 31.91
C THR A 59 1.94 1.65 31.33
N GLN A 60 3.15 1.10 31.42
CA GLN A 60 3.43 -0.20 30.83
C GLN A 60 2.71 -1.31 31.59
N HIS A 61 2.12 -2.24 30.84
CA HIS A 61 1.45 -3.38 31.45
C HIS A 61 2.46 -4.29 32.13
N SER A 62 2.04 -4.90 33.24
CA SER A 62 2.96 -5.71 34.04
C SER A 62 3.48 -6.91 33.27
N SER A 63 2.74 -7.38 32.26
CA SER A 63 3.17 -8.50 31.45
C SER A 63 4.49 -8.26 30.74
N TYR A 64 4.95 -7.01 30.67
CA TYR A 64 6.08 -6.65 29.84
C TYR A 64 7.21 -5.95 30.60
N ARG A 65 7.10 -5.82 31.92
CA ARG A 65 8.13 -5.16 32.70
C ARG A 65 9.46 -5.89 32.54
N GLN A 66 10.47 -5.15 32.08
CA GLN A 66 11.80 -5.69 31.77
C GLN A 66 11.74 -6.84 30.76
N ARG A 67 10.63 -6.93 30.04
CA ARG A 67 10.44 -7.94 29.02
C ARG A 67 10.44 -7.32 27.63
N ALA A 68 10.05 -6.05 27.54
CA ALA A 68 9.98 -5.37 26.26
C ALA A 68 10.56 -3.97 26.27
N ARG A 69 11.13 -3.56 25.14
CA ARG A 69 11.71 -2.24 25.00
C ARG A 69 11.69 -1.78 23.55
N LEU A 70 11.79 -0.46 23.35
CA LEU A 70 11.82 0.12 22.03
C LEU A 70 13.29 0.37 21.79
N LEU A 71 13.81 -0.09 20.66
CA LEU A 71 15.25 0.06 20.40
C LEU A 71 15.48 1.46 19.84
N LYS A 72 15.92 2.38 20.73
CA LYS A 72 15.96 3.80 20.40
C LYS A 72 16.94 4.10 19.26
N ASP A 73 18.02 3.33 19.16
CA ASP A 73 19.03 3.62 18.14
C ASP A 73 18.50 3.36 16.73
N GLN A 74 17.54 2.44 16.59
CA GLN A 74 16.97 2.17 15.27
C GLN A 74 16.00 3.25 14.84
N LEU A 75 15.43 4.02 15.78
CA LEU A 75 14.57 5.13 15.42
C LEU A 75 15.31 6.11 14.50
N SER A 76 16.63 6.28 14.71
CA SER A 76 17.43 7.11 13.85
C SER A 76 17.30 6.70 12.39
N LEU A 77 17.11 5.41 12.14
CA LEU A 77 16.98 4.87 10.79
C LEU A 77 15.54 4.81 10.32
N GLY A 78 14.61 5.44 11.04
CA GLY A 78 13.21 5.30 10.69
C GLY A 78 12.70 3.90 10.96
N ASN A 79 13.07 3.33 12.10
CA ASN A 79 12.69 1.97 12.49
C ASN A 79 12.21 2.00 13.95
N ALA A 80 10.91 1.83 14.15
CA ALA A 80 10.36 1.56 15.48
C ALA A 80 10.37 0.05 15.64
N ALA A 81 11.33 -0.45 16.42
CA ALA A 81 11.55 -1.88 16.57
C ALA A 81 11.24 -2.28 18.00
N LEU A 82 10.22 -3.11 18.17
CA LEU A 82 9.85 -3.62 19.49
C LEU A 82 10.57 -4.94 19.72
N GLN A 83 11.33 -5.01 20.81
CA GLN A 83 12.03 -6.23 21.19
C GLN A 83 11.43 -6.75 22.49
N ILE A 84 11.02 -8.03 22.47
CA ILE A 84 10.49 -8.71 23.64
C ILE A 84 11.33 -9.95 23.88
N THR A 85 11.91 -10.06 25.08
CA THR A 85 12.77 -11.18 25.41
C THR A 85 11.98 -12.26 26.14
N ASP A 86 12.41 -13.51 25.92
CA ASP A 86 11.81 -14.67 26.58
C ASP A 86 10.32 -14.77 26.23
N VAL A 87 10.06 -14.98 24.94
CA VAL A 87 8.69 -14.98 24.43
C VAL A 87 7.89 -16.10 25.07
N LYS A 88 6.71 -15.77 25.56
CA LYS A 88 5.76 -16.73 26.10
C LYS A 88 4.66 -17.02 25.09
N LEU A 89 3.86 -18.06 25.39
CA LEU A 89 2.73 -18.38 24.52
C LEU A 89 1.70 -17.26 24.50
N GLN A 90 1.54 -16.56 25.63
CA GLN A 90 0.62 -15.44 25.75
C GLN A 90 1.09 -14.19 25.00
N ASP A 91 2.21 -14.27 24.30
CA ASP A 91 2.67 -13.18 23.45
C ASP A 91 2.17 -13.30 22.01
N ALA A 92 1.55 -14.42 21.65
CA ALA A 92 0.94 -14.54 20.33
C ALA A 92 -0.29 -13.65 20.23
N GLY A 93 -0.52 -13.09 19.07
CA GLY A 93 -1.65 -12.23 18.85
C GLY A 93 -1.31 -11.12 17.89
N VAL A 94 -2.22 -10.14 17.83
CA VAL A 94 -2.09 -9.00 16.91
C VAL A 94 -1.50 -7.83 17.68
N TYR A 95 -0.36 -7.34 17.22
CA TYR A 95 0.29 -6.16 17.75
C TYR A 95 0.03 -4.98 16.83
N ARG A 96 -0.16 -3.80 17.41
CA ARG A 96 -0.35 -2.57 16.67
C ARG A 96 0.78 -1.62 16.98
N CYS A 97 1.38 -1.04 15.94
CA CYS A 97 2.37 0.02 16.10
C CYS A 97 1.77 1.32 15.57
N MET A 98 1.67 2.32 16.44
CA MET A 98 1.16 3.64 16.12
C MET A 98 2.31 4.63 16.20
N ILE A 99 2.51 5.40 15.14
CA ILE A 99 3.63 6.33 15.06
C ILE A 99 3.09 7.68 14.61
N SER A 100 3.41 8.72 15.38
CA SER A 100 3.17 10.10 14.99
C SER A 100 4.51 10.79 14.85
N TYR A 101 4.71 11.45 13.71
CA TYR A 101 5.96 12.12 13.39
C TYR A 101 5.70 13.19 12.34
N GLY A 102 5.05 14.28 12.73
CA GLY A 102 4.42 15.15 11.77
C GLY A 102 3.09 14.54 11.37
N GLY A 103 3.13 13.66 10.37
CA GLY A 103 1.99 12.84 10.07
C GLY A 103 1.89 11.64 11.01
N ALA A 104 0.78 10.93 10.92
CA ALA A 104 0.52 9.80 11.81
C ALA A 104 -0.01 8.61 11.01
N ASP A 105 0.37 7.42 11.44
CA ASP A 105 -0.08 6.18 10.81
C ASP A 105 0.12 5.04 11.80
N TYR A 106 -0.36 3.86 11.42
CA TYR A 106 -0.21 2.70 12.27
C TYR A 106 -0.43 1.45 11.44
N LYS A 107 0.13 0.33 11.92
CA LYS A 107 0.05 -0.94 11.22
C LYS A 107 -0.11 -2.09 12.20
N ARG A 108 -0.63 -3.20 11.69
CA ARG A 108 -0.85 -4.42 12.44
C ARG A 108 0.18 -5.47 12.06
N ILE A 109 0.58 -6.28 13.04
CA ILE A 109 1.54 -7.37 12.87
C ILE A 109 1.05 -8.55 13.68
N THR A 110 0.95 -9.71 13.05
CA THR A 110 0.50 -10.90 13.76
C THR A 110 1.70 -11.76 14.17
N VAL A 111 1.68 -12.22 15.42
CA VAL A 111 2.76 -13.02 15.98
C VAL A 111 2.20 -14.38 16.39
N LYS A 112 2.74 -15.44 15.80
CA LYS A 112 2.49 -16.81 16.26
C LYS A 112 3.69 -17.27 17.08
N VAL A 113 3.41 -17.95 18.19
CA VAL A 113 4.45 -18.51 19.05
C VAL A 113 4.46 -20.02 18.90
N ASN A 114 5.63 -20.57 18.60
CA ASN A 114 5.78 -22.01 18.42
C ASN A 114 6.06 -22.67 19.76
N ALA A 115 5.36 -23.78 20.03
CA ALA A 115 5.50 -24.51 21.26
C ALA A 115 6.87 -25.20 21.33
N PRO A 116 7.36 -25.47 22.55
CA PRO A 116 8.73 -26.00 22.68
C PRO A 116 8.98 -27.29 21.89
N TYR A 117 7.97 -28.13 21.73
CA TYR A 117 8.15 -29.44 21.11
C TYR A 117 7.44 -29.55 19.76
N ALA A 118 7.31 -28.42 19.05
CA ALA A 118 6.56 -28.39 17.81
C ALA A 118 7.43 -28.53 16.56
N ALA A 119 8.75 -28.58 16.71
CA ALA A 119 9.62 -28.72 15.54
C ALA A 119 10.39 -30.04 15.58
N ALA B 1 16.25 5.81 -27.93
CA ALA B 1 15.60 5.74 -26.62
C ALA B 1 16.42 4.88 -25.67
N PHE B 2 16.30 5.17 -24.37
CA PHE B 2 17.01 4.40 -23.36
C PHE B 2 16.52 2.96 -23.38
N THR B 3 17.46 2.02 -23.41
CA THR B 3 17.11 0.61 -23.48
C THR B 3 18.04 -0.19 -22.59
N VAL B 4 17.45 -0.99 -21.72
CA VAL B 4 18.17 -2.01 -20.97
C VAL B 4 18.16 -3.30 -21.77
N THR B 5 19.31 -3.95 -21.90
CA THR B 5 19.44 -5.15 -22.70
C THR B 5 19.85 -6.32 -21.83
N VAL B 6 19.50 -7.52 -22.29
CA VAL B 6 19.79 -8.74 -21.56
C VAL B 6 20.54 -9.70 -22.49
N PRO B 7 21.85 -9.87 -22.31
CA PRO B 7 22.57 -10.85 -23.14
C PRO B 7 22.10 -12.27 -22.94
N LYS B 8 21.61 -12.59 -21.75
CA LYS B 8 21.18 -13.95 -21.41
C LYS B 8 20.03 -13.81 -20.43
N ASP B 9 18.84 -14.25 -20.82
CA ASP B 9 17.66 -14.11 -19.98
C ASP B 9 17.26 -15.41 -19.30
N LEU B 10 18.06 -16.47 -19.44
CA LEU B 10 17.87 -17.70 -18.69
C LEU B 10 19.23 -18.15 -18.18
N TYR B 11 19.35 -18.26 -16.86
CA TYR B 11 20.55 -18.78 -16.22
C TYR B 11 20.22 -20.09 -15.54
N VAL B 12 21.03 -21.12 -15.80
CA VAL B 12 20.95 -22.39 -15.09
C VAL B 12 22.16 -22.47 -14.19
N VAL B 13 21.94 -22.32 -12.88
CA VAL B 13 23.01 -22.32 -11.89
C VAL B 13 22.95 -23.61 -11.10
N GLU B 14 24.07 -23.95 -10.48
CA GLU B 14 24.18 -25.14 -9.65
C GLU B 14 23.96 -24.76 -8.19
N TYR B 15 23.25 -25.63 -7.46
CA TYR B 15 22.95 -25.39 -6.06
C TYR B 15 24.25 -25.22 -5.27
N GLY B 16 24.32 -24.15 -4.48
CA GLY B 16 25.46 -23.86 -3.65
C GLY B 16 26.57 -23.06 -4.31
N SER B 17 26.40 -22.67 -5.57
CA SER B 17 27.42 -21.94 -6.29
C SER B 17 27.19 -20.43 -6.13
N ASN B 18 27.85 -19.64 -6.96
CA ASN B 18 27.60 -18.21 -7.08
C ASN B 18 26.90 -17.94 -8.41
N MET B 19 25.93 -17.03 -8.39
CA MET B 19 25.25 -16.61 -9.60
C MET B 19 25.53 -15.14 -9.85
N THR B 20 25.75 -14.81 -11.11
CA THR B 20 25.90 -13.42 -11.56
C THR B 20 25.03 -13.24 -12.79
N ILE B 21 23.99 -12.40 -12.66
CA ILE B 21 23.08 -12.12 -13.76
C ILE B 21 23.19 -10.64 -14.10
N GLU B 22 23.13 -10.33 -15.39
CA GLU B 22 23.57 -9.03 -15.88
C GLU B 22 22.49 -8.35 -16.70
N CYS B 23 22.34 -7.05 -16.49
CA CYS B 23 21.51 -6.19 -17.33
C CYS B 23 22.37 -5.05 -17.86
N LYS B 24 22.39 -4.88 -19.17
CA LYS B 24 23.25 -3.90 -19.82
C LYS B 24 22.46 -2.62 -20.08
N PHE B 25 23.03 -1.48 -19.69
CA PHE B 25 22.46 -0.18 -19.99
C PHE B 25 23.54 0.71 -20.60
N PRO B 26 23.16 1.67 -21.44
CA PRO B 26 24.17 2.50 -22.11
C PRO B 26 24.83 3.48 -21.17
N VAL B 27 26.15 3.64 -21.32
CA VAL B 27 26.90 4.63 -20.56
C VAL B 27 27.87 5.32 -21.52
N GLU B 28 27.73 6.63 -21.68
CA GLU B 28 28.61 7.40 -22.53
C GLU B 28 29.67 8.08 -21.67
N LEU B 31 30.68 7.79 -15.65
CA LEU B 31 29.42 7.35 -15.06
C LEU B 31 28.94 8.40 -14.07
N ASP B 32 27.65 8.77 -14.18
CA ASP B 32 27.03 9.72 -13.27
C ASP B 32 26.36 8.94 -12.14
N LEU B 33 27.05 8.80 -11.01
CA LEU B 33 26.50 8.04 -9.89
C LEU B 33 25.32 8.74 -9.25
N ALA B 34 25.23 10.07 -9.37
CA ALA B 34 24.09 10.78 -8.79
C ALA B 34 22.80 10.46 -9.54
N ALA B 35 22.89 10.20 -10.85
CA ALA B 35 21.72 9.93 -11.67
C ALA B 35 21.32 8.46 -11.68
N LEU B 36 22.27 7.56 -11.50
CA LEU B 36 22.00 6.13 -11.65
C LEU B 36 21.20 5.61 -10.47
N ILE B 37 20.12 4.89 -10.76
CA ILE B 37 19.35 4.16 -9.77
C ILE B 37 19.13 2.74 -10.28
N VAL B 38 19.47 1.76 -9.46
CA VAL B 38 19.31 0.35 -9.81
C VAL B 38 18.44 -0.32 -8.76
N TYR B 39 17.48 -1.12 -9.19
CA TYR B 39 16.68 -1.91 -8.27
C TYR B 39 16.57 -3.33 -8.82
N TRP B 40 17.09 -4.29 -8.06
CA TRP B 40 16.96 -5.71 -8.33
C TRP B 40 15.92 -6.29 -7.39
N GLU B 41 14.91 -6.96 -7.95
CA GLU B 41 13.83 -7.55 -7.19
C GLU B 41 13.54 -8.96 -7.70
N MET B 42 13.08 -9.83 -6.81
CA MET B 42 12.52 -11.12 -7.24
C MET B 42 11.30 -11.41 -6.36
N GLU B 43 10.25 -11.94 -7.00
CA GLU B 43 8.95 -12.02 -6.37
C GLU B 43 8.58 -10.65 -5.80
N ASP B 44 8.42 -10.56 -4.49
CA ASP B 44 8.16 -9.28 -3.83
C ASP B 44 9.28 -8.90 -2.88
N LYS B 45 10.50 -9.36 -3.16
CA LYS B 45 11.65 -9.21 -2.27
C LYS B 45 12.62 -8.17 -2.82
N ASN B 46 12.89 -7.14 -2.03
CA ASN B 46 13.89 -6.13 -2.36
C ASN B 46 15.27 -6.75 -2.26
N ILE B 47 15.93 -6.96 -3.40
CA ILE B 47 17.24 -7.60 -3.39
C ILE B 47 18.34 -6.55 -3.28
N ILE B 48 18.35 -5.59 -4.20
CA ILE B 48 19.35 -4.53 -4.17
C ILE B 48 18.69 -3.21 -4.55
N GLN B 49 18.91 -2.18 -3.75
CA GLN B 49 18.47 -0.82 -4.03
C GLN B 49 19.71 0.07 -4.03
N PHE B 50 20.15 0.49 -5.21
CA PHE B 50 21.41 1.18 -5.43
C PHE B 50 21.11 2.61 -5.85
N VAL B 51 21.38 3.55 -4.94
CA VAL B 51 21.13 4.98 -5.14
C VAL B 51 22.38 5.73 -4.70
N HIS B 52 22.85 6.64 -5.56
CA HIS B 52 24.00 7.49 -5.26
C HIS B 52 25.26 6.66 -4.97
N GLY B 53 25.48 5.64 -5.80
CA GLY B 53 26.68 4.83 -5.68
C GLY B 53 26.76 4.00 -4.42
N GLU B 54 25.62 3.64 -3.82
CA GLU B 54 25.63 2.95 -2.55
C GLU B 54 24.39 2.07 -2.44
N GLU B 55 24.58 0.86 -1.89
CA GLU B 55 23.47 -0.05 -1.65
C GLU B 55 22.71 0.37 -0.41
N ASP B 56 21.39 0.49 -0.53
CA ASP B 56 20.54 0.77 0.62
C ASP B 56 20.23 -0.55 1.32
N LEU B 57 20.77 -0.72 2.53
CA LEU B 57 20.62 -1.97 3.28
C LEU B 57 19.49 -1.93 4.29
N LYS B 58 18.94 -0.75 4.58
CA LYS B 58 17.75 -0.67 5.44
C LYS B 58 16.54 -1.31 4.77
N THR B 59 16.49 -1.32 3.45
CA THR B 59 15.34 -1.83 2.72
C THR B 59 15.55 -3.22 2.14
N GLN B 60 16.76 -3.75 2.19
CA GLN B 60 17.03 -5.08 1.64
C GLN B 60 16.27 -6.14 2.41
N HIS B 61 15.81 -7.17 1.70
CA HIS B 61 15.16 -8.29 2.36
C HIS B 61 16.18 -9.08 3.18
N SER B 62 15.73 -9.59 4.34
CA SER B 62 16.63 -10.21 5.30
C SER B 62 17.38 -11.41 4.72
N SER B 63 16.76 -12.15 3.80
CA SER B 63 17.38 -13.36 3.26
C SER B 63 18.57 -13.05 2.35
N TYR B 64 18.79 -11.80 1.97
CA TYR B 64 19.85 -11.44 1.06
C TYR B 64 21.03 -10.75 1.74
N ARG B 65 20.95 -10.51 3.05
CA ARG B 65 22.03 -9.87 3.77
C ARG B 65 23.32 -10.66 3.62
N GLN B 66 24.38 -9.97 3.19
CA GLN B 66 25.68 -10.54 2.86
C GLN B 66 25.60 -11.62 1.80
N ARG B 67 24.43 -11.83 1.21
CA ARG B 67 24.27 -12.78 0.11
C ARG B 67 24.18 -12.09 -1.24
N ALA B 68 23.56 -10.91 -1.30
CA ALA B 68 23.31 -10.18 -2.53
C ALA B 68 24.22 -8.97 -2.61
N ARG B 69 24.95 -8.84 -3.71
CA ARG B 69 25.77 -7.67 -3.97
C ARG B 69 25.51 -7.20 -5.40
N LEU B 70 25.72 -5.91 -5.62
CA LEU B 70 25.79 -5.34 -6.96
C LEU B 70 27.25 -4.97 -7.23
N LEU B 71 27.84 -5.58 -8.25
CA LEU B 71 29.26 -5.41 -8.53
C LEU B 71 29.47 -4.01 -9.09
N LYS B 72 29.82 -3.07 -8.21
CA LYS B 72 29.84 -1.66 -8.55
C LYS B 72 30.81 -1.34 -9.68
N ASP B 73 31.91 -2.09 -9.77
CA ASP B 73 32.92 -1.80 -10.79
C ASP B 73 32.42 -2.09 -12.20
N GLN B 74 31.40 -2.93 -12.35
CA GLN B 74 30.84 -3.19 -13.66
C GLN B 74 29.90 -2.09 -14.13
N LEU B 75 29.48 -1.20 -13.22
CA LEU B 75 28.56 -0.13 -13.61
C LEU B 75 29.22 0.87 -14.55
N SER B 76 30.53 1.07 -14.41
CA SER B 76 31.25 1.96 -15.31
C SER B 76 31.27 1.42 -16.74
N LEU B 77 31.02 0.14 -16.92
CA LEU B 77 30.99 -0.48 -18.24
C LEU B 77 29.57 -0.60 -18.79
N GLY B 78 28.59 -0.04 -18.09
CA GLY B 78 27.22 -0.19 -18.52
C GLY B 78 26.63 -1.54 -18.23
N ASN B 79 27.04 -2.17 -17.13
CA ASN B 79 26.62 -3.52 -16.78
C ASN B 79 26.21 -3.53 -15.31
N ALA B 80 24.90 -3.64 -15.05
CA ALA B 80 24.39 -3.87 -13.70
C ALA B 80 24.38 -5.38 -13.48
N ALA B 81 25.34 -5.86 -12.69
CA ALA B 81 25.53 -7.29 -12.48
C ALA B 81 25.21 -7.62 -11.03
N LEU B 82 24.13 -8.38 -10.82
CA LEU B 82 23.75 -8.85 -9.51
C LEU B 82 24.45 -10.17 -9.23
N GLN B 83 25.05 -10.28 -8.04
CA GLN B 83 25.75 -11.49 -7.64
C GLN B 83 25.17 -12.00 -6.33
N ILE B 84 24.75 -13.27 -6.33
CA ILE B 84 24.24 -13.96 -5.14
C ILE B 84 25.15 -15.14 -4.87
N THR B 85 25.61 -15.26 -3.63
CA THR B 85 26.44 -16.40 -3.24
C THR B 85 25.58 -17.48 -2.62
N ASP B 86 26.10 -18.70 -2.64
CA ASP B 86 25.50 -19.86 -1.97
C ASP B 86 24.05 -20.04 -2.43
N VAL B 87 23.89 -20.28 -3.73
CA VAL B 87 22.57 -20.32 -4.34
C VAL B 87 21.77 -21.50 -3.82
N LYS B 88 20.52 -21.24 -3.45
CA LYS B 88 19.61 -22.24 -2.92
C LYS B 88 18.53 -22.53 -3.96
N LEU B 89 17.72 -23.55 -3.68
CA LEU B 89 16.60 -23.87 -4.57
C LEU B 89 15.60 -22.72 -4.62
N GLN B 90 15.43 -22.01 -3.51
CA GLN B 90 14.52 -20.87 -3.41
C GLN B 90 15.02 -19.64 -4.17
N ASP B 91 16.15 -19.73 -4.85
CA ASP B 91 16.65 -18.62 -5.66
C ASP B 91 16.22 -18.72 -7.12
N ALA B 92 15.64 -19.85 -7.53
CA ALA B 92 15.06 -19.95 -8.86
C ALA B 92 13.82 -19.09 -8.96
N GLY B 93 13.65 -18.46 -10.11
CA GLY B 93 12.48 -17.62 -10.34
C GLY B 93 12.82 -16.50 -11.30
N VAL B 94 11.96 -15.49 -11.30
CA VAL B 94 12.07 -14.35 -12.22
C VAL B 94 12.62 -13.17 -11.44
N TYR B 95 13.77 -12.65 -11.88
CA TYR B 95 14.36 -11.44 -11.34
C TYR B 95 14.04 -10.28 -12.27
N ARG B 96 13.74 -9.13 -11.69
CA ARG B 96 13.51 -7.92 -12.46
C ARG B 96 14.62 -6.93 -12.14
N CYS B 97 15.31 -6.46 -13.18
CA CYS B 97 16.31 -5.40 -13.06
C CYS B 97 15.71 -4.12 -13.62
N MET B 98 15.62 -3.08 -12.77
CA MET B 98 15.13 -1.77 -13.15
C MET B 98 16.29 -0.78 -13.07
N ILE B 99 16.52 -0.05 -14.15
CA ILE B 99 17.61 0.92 -14.19
C ILE B 99 17.05 2.26 -14.68
N SER B 100 17.34 3.31 -13.91
CA SER B 100 17.05 4.68 -14.33
C SER B 100 18.39 5.39 -14.43
N TYR B 101 18.75 5.78 -15.66
CA TYR B 101 19.99 6.49 -15.97
C TYR B 101 19.63 7.50 -17.06
N GLY B 102 19.07 8.62 -16.64
CA GLY B 102 18.44 9.53 -17.58
C GLY B 102 17.11 8.97 -18.00
N GLY B 103 17.11 8.11 -19.02
CA GLY B 103 15.96 7.29 -19.30
C GLY B 103 15.82 6.17 -18.28
N ALA B 104 14.70 5.46 -18.38
CA ALA B 104 14.43 4.35 -17.47
C ALA B 104 13.92 3.16 -18.26
N ASP B 105 14.23 1.97 -17.74
CA ASP B 105 13.80 0.74 -18.39
C ASP B 105 14.00 -0.40 -17.41
N TYR B 106 13.51 -1.58 -17.79
CA TYR B 106 13.69 -2.75 -16.95
C TYR B 106 13.51 -4.00 -17.80
N LYS B 107 14.08 -5.10 -17.30
CA LYS B 107 13.99 -6.38 -17.96
C LYS B 107 13.85 -7.48 -16.93
N ARG B 108 13.54 -8.68 -17.41
CA ARG B 108 13.38 -9.87 -16.58
C ARG B 108 14.39 -10.93 -16.96
N ILE B 109 14.88 -11.65 -15.96
CA ILE B 109 15.81 -12.75 -16.15
C ILE B 109 15.26 -13.94 -15.37
N THR B 110 15.36 -15.13 -15.97
CA THR B 110 14.87 -16.34 -15.33
C THR B 110 16.04 -17.19 -14.87
N VAL B 111 15.99 -17.61 -13.62
CA VAL B 111 17.04 -18.44 -13.05
C VAL B 111 16.50 -19.80 -12.65
N LYS B 112 17.18 -20.85 -13.12
CA LYS B 112 16.82 -22.23 -12.81
C LYS B 112 17.96 -22.82 -12.01
N VAL B 113 17.64 -23.50 -10.92
CA VAL B 113 18.67 -24.09 -10.08
C VAL B 113 18.74 -25.61 -10.13
N ASN B 114 19.92 -26.13 -10.40
CA ASN B 114 20.16 -27.57 -10.46
C ASN B 114 20.48 -28.07 -9.05
N ALA B 115 19.69 -29.04 -8.58
CA ALA B 115 20.01 -29.72 -7.33
C ALA B 115 21.31 -30.51 -7.49
N PRO B 116 21.96 -30.88 -6.38
CA PRO B 116 23.28 -31.52 -6.48
C PRO B 116 23.31 -32.77 -7.35
N TYR B 117 22.23 -33.56 -7.38
CA TYR B 117 22.20 -34.80 -8.14
C TYR B 117 21.43 -34.67 -9.44
N ALA B 118 21.28 -33.45 -9.96
CA ALA B 118 20.56 -33.28 -11.22
C ALA B 118 21.24 -34.03 -12.36
N ALA B 119 22.55 -34.25 -12.25
CA ALA B 119 23.27 -35.00 -13.27
C ALA B 119 23.09 -36.50 -13.09
N ALA B 120 23.09 -36.97 -11.83
CA ALA B 120 22.86 -38.38 -11.58
C ALA B 120 21.45 -38.80 -11.95
N LEU B 121 20.48 -37.91 -11.78
CA LEU B 121 19.11 -38.19 -12.20
C LEU B 121 18.94 -38.13 -13.71
N HIS B 122 19.83 -37.43 -14.42
CA HIS B 122 19.91 -37.60 -15.87
C HIS B 122 20.35 -39.01 -16.23
N GLU B 123 20.91 -39.75 -15.26
CA GLU B 123 21.32 -41.14 -15.39
C GLU B 123 22.51 -41.29 -16.33
N ALA C 1 -21.32 -8.96 -6.23
CA ALA C 1 -21.09 -9.03 -7.67
C ALA C 1 -19.74 -8.41 -8.03
N PHE C 2 -19.22 -8.80 -9.19
CA PHE C 2 -17.92 -8.32 -9.64
C PHE C 2 -17.90 -6.80 -9.69
N THR C 3 -16.90 -6.20 -9.06
CA THR C 3 -16.80 -4.76 -8.95
C THR C 3 -15.38 -4.30 -9.20
N VAL C 4 -15.24 -3.24 -9.99
CA VAL C 4 -13.97 -2.59 -10.24
C VAL C 4 -13.94 -1.29 -9.45
N THR C 5 -12.84 -1.03 -8.74
CA THR C 5 -12.70 0.16 -7.92
C THR C 5 -11.48 0.96 -8.37
N VAL C 6 -11.62 2.28 -8.40
CA VAL C 6 -10.54 3.20 -8.72
C VAL C 6 -10.24 4.03 -7.47
N PRO C 7 -9.16 3.72 -6.75
CA PRO C 7 -8.84 4.51 -5.55
C PRO C 7 -8.49 5.95 -5.87
N LYS C 8 -8.08 6.23 -7.10
CA LYS C 8 -7.70 7.57 -7.53
C LYS C 8 -8.31 7.77 -8.90
N ASP C 9 -9.30 8.67 -8.99
CA ASP C 9 -9.99 8.91 -10.25
C ASP C 9 -9.52 10.17 -10.97
N LEU C 10 -8.54 10.88 -10.42
CA LEU C 10 -7.94 12.02 -11.08
C LEU C 10 -6.42 11.90 -11.02
N TYR C 11 -5.76 12.01 -12.16
CA TYR C 11 -4.31 12.06 -12.26
C TYR C 11 -3.91 13.36 -12.92
N VAL C 12 -2.87 14.00 -12.39
CA VAL C 12 -2.31 15.22 -12.97
C VAL C 12 -0.87 14.90 -13.34
N VAL C 13 -0.63 14.72 -14.63
CA VAL C 13 0.67 14.26 -15.14
C VAL C 13 1.35 15.41 -15.87
N GLU C 14 2.68 15.42 -15.82
CA GLU C 14 3.48 16.42 -16.53
C GLU C 14 3.72 15.98 -17.97
N TYR C 15 3.69 16.95 -18.88
CA TYR C 15 3.99 16.70 -20.28
C TYR C 15 5.36 16.05 -20.43
N GLY C 16 5.42 14.96 -21.19
CA GLY C 16 6.65 14.27 -21.47
C GLY C 16 7.02 13.19 -20.49
N SER C 17 6.41 13.16 -19.31
CA SER C 17 6.69 12.12 -18.34
C SER C 17 5.87 10.87 -18.70
N ASN C 18 5.94 9.85 -17.84
CA ASN C 18 5.13 8.66 -17.98
C ASN C 18 3.96 8.72 -17.01
N MET C 19 2.81 8.21 -17.44
CA MET C 19 1.65 8.12 -16.56
C MET C 19 1.26 6.67 -16.36
N THR C 20 0.86 6.33 -15.14
CA THR C 20 0.34 5.01 -14.81
C THR C 20 -0.97 5.20 -14.08
N ILE C 21 -2.05 4.69 -14.65
CA ILE C 21 -3.38 4.77 -14.04
C ILE C 21 -3.87 3.36 -13.79
N GLU C 22 -4.56 3.15 -12.67
CA GLU C 22 -4.81 1.82 -12.16
C GLU C 22 -6.27 1.61 -11.81
N CYS C 23 -6.77 0.41 -12.12
CA CYS C 23 -8.10 -0.03 -11.74
C CYS C 23 -7.99 -1.34 -10.97
N LYS C 24 -8.62 -1.41 -9.80
CA LYS C 24 -8.54 -2.61 -8.97
C LYS C 24 -9.73 -3.54 -9.25
N PHE C 25 -9.44 -4.83 -9.27
CA PHE C 25 -10.47 -5.87 -9.35
C PHE C 25 -10.03 -7.02 -8.47
N PRO C 26 -10.99 -7.81 -8.00
CA PRO C 26 -10.70 -8.90 -7.07
C PRO C 26 -10.27 -10.24 -7.63
N VAL C 27 -9.16 -10.75 -7.12
CA VAL C 27 -8.63 -12.06 -7.47
C VAL C 27 -8.50 -12.76 -6.13
N GLU C 28 -9.24 -13.85 -5.94
CA GLU C 28 -9.20 -14.56 -4.66
C GLU C 28 -7.90 -15.25 -4.25
N LEU C 31 -4.42 -16.08 -10.13
CA LEU C 31 -5.04 -15.53 -11.31
C LEU C 31 -5.16 -16.50 -12.48
N ASP C 32 -6.36 -16.60 -13.03
CA ASP C 32 -6.66 -17.43 -14.19
C ASP C 32 -6.61 -16.52 -15.42
N LEU C 33 -5.41 -16.45 -16.02
CA LEU C 33 -5.20 -15.58 -17.18
C LEU C 33 -6.08 -15.95 -18.36
N ALA C 34 -6.54 -17.19 -18.44
CA ALA C 34 -7.38 -17.60 -19.56
C ALA C 34 -8.76 -16.96 -19.52
N ALA C 35 -9.23 -16.58 -18.33
CA ALA C 35 -10.55 -16.00 -18.16
C ALA C 35 -10.56 -14.48 -18.13
N LEU C 36 -9.39 -13.84 -18.16
CA LEU C 36 -9.29 -12.40 -17.95
C LEU C 36 -9.41 -11.64 -19.26
N ILE C 37 -10.22 -10.59 -19.26
CA ILE C 37 -10.29 -9.63 -20.35
C ILE C 37 -10.14 -8.24 -19.75
N VAL C 38 -9.23 -7.44 -20.31
CA VAL C 38 -9.02 -6.07 -19.88
C VAL C 38 -8.98 -5.17 -21.11
N TYR C 39 -9.75 -4.09 -21.09
CA TYR C 39 -9.78 -3.14 -22.21
C TYR C 39 -9.68 -1.73 -21.67
N TRP C 40 -8.64 -1.02 -22.09
CA TRP C 40 -8.44 0.39 -21.77
C TRP C 40 -8.74 1.21 -23.02
N GLU C 41 -9.62 2.21 -22.87
CA GLU C 41 -10.08 3.05 -23.96
C GLU C 41 -10.16 4.50 -23.50
N MET C 42 -9.89 5.44 -24.40
CA MET C 42 -10.19 6.85 -24.14
C MET C 42 -10.74 7.46 -25.42
N GLU C 43 -11.72 8.35 -25.26
CA GLU C 43 -12.52 8.86 -26.39
C GLU C 43 -13.04 7.64 -27.14
N ASP C 44 -12.82 7.52 -28.44
CA ASP C 44 -13.20 6.33 -29.19
C ASP C 44 -11.98 5.53 -29.62
N LYS C 45 -10.90 5.61 -28.85
CA LYS C 45 -9.60 5.10 -29.26
C LYS C 45 -9.22 3.89 -28.40
N ASN C 46 -8.94 2.77 -29.07
CA ASN C 46 -8.47 1.56 -28.42
C ASN C 46 -7.05 1.79 -27.90
N ILE C 47 -6.89 1.82 -26.58
CA ILE C 47 -5.56 1.96 -26.00
C ILE C 47 -4.93 0.58 -25.89
N ILE C 48 -5.57 -0.32 -25.14
CA ILE C 48 -5.02 -1.68 -25.03
C ILE C 48 -6.16 -2.67 -24.81
N GLN C 49 -6.09 -3.78 -25.53
CA GLN C 49 -7.05 -4.88 -25.43
C GLN C 49 -6.29 -6.16 -25.12
N PHE C 50 -6.64 -6.79 -24.00
CA PHE C 50 -5.95 -7.95 -23.45
C PHE C 50 -7.01 -9.03 -23.27
N VAL C 51 -6.96 -10.07 -24.09
CA VAL C 51 -8.07 -11.01 -24.24
C VAL C 51 -7.58 -12.41 -23.89
N HIS C 52 -8.10 -12.96 -22.78
CA HIS C 52 -7.88 -14.35 -22.39
C HIS C 52 -6.40 -14.72 -22.30
N GLY C 53 -5.52 -13.72 -22.30
CA GLY C 53 -4.11 -13.99 -22.06
C GLY C 53 -3.15 -13.62 -23.16
N GLU C 54 -3.38 -12.47 -23.81
CA GLU C 54 -2.38 -11.83 -24.69
C GLU C 54 -2.93 -10.52 -25.25
N GLU C 55 -2.03 -9.56 -25.47
CA GLU C 55 -2.39 -8.19 -25.82
C GLU C 55 -2.51 -8.05 -27.33
N ASP C 56 -3.72 -7.75 -27.82
CA ASP C 56 -3.97 -7.63 -29.24
C ASP C 56 -3.53 -6.25 -29.73
N LEU C 57 -2.43 -6.20 -30.50
CA LEU C 57 -1.83 -4.95 -30.93
C LEU C 57 -2.35 -4.42 -32.27
N LYS C 58 -3.31 -5.10 -32.90
CA LYS C 58 -3.72 -4.73 -34.24
C LYS C 58 -4.97 -3.87 -34.25
N THR C 59 -5.79 -3.96 -33.22
CA THR C 59 -6.86 -3.00 -32.98
C THR C 59 -6.39 -1.78 -32.20
N GLN C 60 -5.14 -1.79 -31.72
CA GLN C 60 -4.61 -0.67 -30.95
C GLN C 60 -4.51 0.57 -31.81
N HIS C 61 -4.93 1.71 -31.25
CA HIS C 61 -4.88 2.98 -31.97
C HIS C 61 -3.45 3.39 -32.28
N SER C 62 -3.26 3.92 -33.49
CA SER C 62 -1.92 4.21 -34.00
C SER C 62 -1.13 5.12 -33.08
N SER C 63 -1.83 6.00 -32.36
CA SER C 63 -1.19 6.94 -31.45
C SER C 63 -0.44 6.25 -30.30
N TYR C 64 -1.01 5.17 -29.80
CA TYR C 64 -0.42 4.45 -28.67
C TYR C 64 0.57 3.33 -28.99
N ARG C 65 0.83 3.05 -30.26
CA ARG C 65 1.75 1.97 -30.58
C ARG C 65 3.15 2.23 -30.06
N GLN C 66 3.67 1.26 -29.33
CA GLN C 66 5.01 1.32 -28.75
C GLN C 66 5.07 2.32 -27.60
N ARG C 67 3.92 2.86 -27.22
CA ARG C 67 3.85 3.83 -26.13
C ARG C 67 2.98 3.45 -24.95
N ALA C 68 2.17 2.40 -25.10
CA ALA C 68 1.25 2.03 -24.03
C ALA C 68 1.39 0.55 -23.71
N ARG C 69 1.32 0.23 -22.43
CA ARG C 69 1.45 -1.16 -21.98
C ARG C 69 0.50 -1.42 -20.82
N LEU C 70 0.03 -2.66 -20.73
CA LEU C 70 -0.60 -3.16 -19.52
C LEU C 70 0.47 -3.87 -18.71
N LEU C 71 0.64 -3.46 -17.47
CA LEU C 71 1.69 -4.01 -16.61
C LEU C 71 1.20 -5.36 -16.08
N LYS C 72 1.56 -6.42 -16.79
CA LYS C 72 0.98 -7.74 -16.54
C LYS C 72 1.38 -8.30 -15.18
N ASP C 73 2.55 -7.91 -14.66
CA ASP C 73 2.94 -8.38 -13.33
C ASP C 73 1.98 -7.89 -12.26
N GLN C 74 1.33 -6.74 -12.49
CA GLN C 74 0.38 -6.20 -11.53
C GLN C 74 -0.97 -6.89 -11.59
N LEU C 75 -1.26 -7.62 -12.67
CA LEU C 75 -2.52 -8.34 -12.76
C LEU C 75 -2.64 -9.36 -11.62
N SER C 76 -1.52 -10.01 -11.28
CA SER C 76 -1.48 -10.95 -10.16
C SER C 76 -2.11 -10.40 -8.89
N LEU C 77 -2.06 -9.08 -8.69
CA LEU C 77 -2.57 -8.45 -7.47
C LEU C 77 -3.99 -7.91 -7.65
N GLY C 78 -4.65 -8.24 -8.75
CA GLY C 78 -5.94 -7.63 -9.04
C GLY C 78 -5.85 -6.15 -9.36
N ASN C 79 -4.73 -5.72 -9.96
CA ASN C 79 -4.53 -4.33 -10.35
C ASN C 79 -4.25 -4.29 -11.85
N ALA C 80 -5.18 -3.74 -12.62
CA ALA C 80 -4.97 -3.48 -14.04
C ALA C 80 -4.35 -2.10 -14.15
N ALA C 81 -3.06 -2.05 -14.42
CA ALA C 81 -2.30 -0.81 -14.48
C ALA C 81 -1.93 -0.52 -15.92
N LEU C 82 -2.44 0.58 -16.46
CA LEU C 82 -2.10 1.04 -17.80
C LEU C 82 -1.00 2.09 -17.69
N GLN C 83 0.07 1.92 -18.45
CA GLN C 83 1.17 2.86 -18.47
C GLN C 83 1.37 3.40 -19.87
N ILE C 84 1.42 4.73 -19.98
CA ILE C 84 1.66 5.42 -21.24
C ILE C 84 2.89 6.30 -21.08
N THR C 85 3.83 6.15 -22.00
CA THR C 85 5.09 6.90 -21.98
C THR C 85 5.00 8.11 -22.90
N ASP C 86 5.84 9.11 -22.60
CA ASP C 86 5.90 10.36 -23.38
C ASP C 86 4.51 11.02 -23.46
N VAL C 87 4.00 11.39 -22.29
CA VAL C 87 2.65 11.94 -22.20
C VAL C 87 2.57 13.24 -23.00
N LYS C 88 1.55 13.33 -23.85
CA LYS C 88 1.30 14.50 -24.68
C LYS C 88 0.05 15.22 -24.19
N LEU C 89 -0.21 16.39 -24.79
CA LEU C 89 -1.39 17.16 -24.44
C LEU C 89 -2.67 16.40 -24.78
N GLN C 90 -2.69 15.74 -25.95
CA GLN C 90 -3.88 15.01 -26.37
C GLN C 90 -4.17 13.79 -25.51
N ASP C 91 -3.25 13.41 -24.63
CA ASP C 91 -3.47 12.28 -23.73
C ASP C 91 -4.38 12.62 -22.57
N ALA C 92 -4.74 13.89 -22.39
CA ALA C 92 -5.65 14.27 -21.32
C ALA C 92 -7.08 13.93 -21.70
N GLY C 93 -7.86 13.54 -20.71
CA GLY C 93 -9.25 13.20 -20.93
C GLY C 93 -9.69 12.09 -20.00
N VAL C 94 -10.83 11.51 -20.34
CA VAL C 94 -11.46 10.47 -19.53
C VAL C 94 -11.15 9.11 -20.13
N TYR C 95 -10.56 8.23 -19.31
CA TYR C 95 -10.23 6.87 -19.68
C TYR C 95 -11.23 5.92 -19.05
N ARG C 96 -11.64 4.91 -19.81
CA ARG C 96 -12.47 3.82 -19.32
C ARG C 96 -11.60 2.58 -19.19
N CYS C 97 -11.66 1.94 -18.01
CA CYS C 97 -11.10 0.61 -17.81
C CYS C 97 -12.24 -0.38 -17.65
N MET C 98 -12.28 -1.39 -18.52
CA MET C 98 -13.31 -2.42 -18.51
C MET C 98 -12.65 -3.76 -18.24
N ILE C 99 -13.18 -4.50 -17.28
CA ILE C 99 -12.57 -5.75 -16.84
C ILE C 99 -13.64 -6.83 -16.78
N SER C 100 -13.36 -7.95 -17.46
CA SER C 100 -14.16 -9.17 -17.40
C SER C 100 -13.34 -10.23 -16.69
N TYR C 101 -13.85 -10.72 -15.56
CA TYR C 101 -13.21 -11.76 -14.74
C TYR C 101 -14.31 -12.52 -14.02
N GLY C 102 -14.95 -13.44 -14.75
CA GLY C 102 -16.20 -14.02 -14.30
C GLY C 102 -17.30 -13.01 -14.51
N GLY C 103 -17.52 -12.13 -13.54
CA GLY C 103 -18.32 -10.96 -13.75
C GLY C 103 -17.52 -9.87 -14.46
N ALA C 104 -18.21 -8.79 -14.81
CA ALA C 104 -17.59 -7.71 -15.55
C ALA C 104 -18.02 -6.37 -14.96
N ASP C 105 -17.11 -5.40 -14.99
CA ASP C 105 -17.41 -4.05 -14.52
C ASP C 105 -16.48 -3.09 -15.26
N TYR C 106 -16.75 -1.80 -15.10
CA TYR C 106 -15.91 -0.77 -15.68
C TYR C 106 -15.96 0.48 -14.83
N LYS C 107 -14.92 1.30 -14.95
CA LYS C 107 -14.84 2.55 -14.23
C LYS C 107 -14.14 3.59 -15.09
N ARG C 108 -14.20 4.84 -14.63
CA ARG C 108 -13.68 6.00 -15.35
C ARG C 108 -12.61 6.70 -14.53
N ILE C 109 -11.61 7.24 -15.23
CA ILE C 109 -10.49 7.93 -14.61
C ILE C 109 -10.17 9.17 -15.46
N THR C 110 -10.03 10.32 -14.82
CA THR C 110 -9.72 11.55 -15.52
C THR C 110 -8.23 11.85 -15.41
N VAL C 111 -7.62 12.23 -16.54
CA VAL C 111 -6.20 12.56 -16.62
C VAL C 111 -6.07 13.99 -17.12
N LYS C 112 -5.38 14.82 -16.34
CA LYS C 112 -4.99 16.17 -16.74
C LYS C 112 -3.49 16.19 -17.00
N VAL C 113 -3.09 16.89 -18.06
CA VAL C 113 -1.68 17.02 -18.43
C VAL C 113 -1.28 18.48 -18.23
N ASN C 114 -0.19 18.69 -17.47
CA ASN C 114 0.36 20.02 -17.27
C ASN C 114 1.40 20.30 -18.35
N ALA C 115 1.19 21.37 -19.10
CA ALA C 115 2.12 21.76 -20.14
C ALA C 115 3.46 22.17 -19.51
N PRO C 116 4.55 22.14 -20.28
CA PRO C 116 5.88 22.32 -19.68
C PRO C 116 6.07 23.63 -18.93
N TYR C 117 5.32 24.68 -19.25
CA TYR C 117 5.44 25.96 -18.56
C TYR C 117 4.23 26.25 -17.67
N ALA C 118 3.58 25.21 -17.16
CA ALA C 118 2.43 25.40 -16.28
C ALA C 118 2.85 26.09 -14.98
N ALA C 119 3.98 25.65 -14.43
CA ALA C 119 4.50 26.20 -13.19
C ALA C 119 4.87 27.67 -13.37
N ALA C 120 5.49 27.98 -14.51
CA ALA C 120 5.89 29.35 -14.78
C ALA C 120 4.65 30.21 -14.87
N LEU C 121 3.60 29.69 -15.51
CA LEU C 121 2.36 30.42 -15.63
C LEU C 121 1.74 30.69 -14.27
N HIS C 122 1.80 29.71 -13.38
CA HIS C 122 1.24 29.88 -12.05
C HIS C 122 1.95 30.99 -11.28
N GLU C 123 3.27 31.00 -11.35
CA GLU C 123 4.09 32.03 -10.69
C GLU C 123 3.82 33.40 -11.30
N HIS C 124 3.64 33.42 -12.61
CA HIS C 124 3.39 34.65 -13.36
C HIS C 124 2.08 35.33 -12.96
N HIS C 125 1.04 34.53 -12.74
CA HIS C 125 -0.26 35.05 -12.36
C HIS C 125 -0.32 35.32 -10.86
N ALA D 1 -35.58 -2.94 23.58
CA ALA D 1 -35.42 -2.77 22.15
C ALA D 1 -34.02 -2.28 21.80
N PHE D 2 -33.48 -2.79 20.70
CA PHE D 2 -32.14 -2.43 20.23
C PHE D 2 -32.03 -0.92 20.04
N THR D 3 -31.09 -0.31 20.74
CA THR D 3 -30.92 1.14 20.73
C THR D 3 -29.48 1.49 20.40
N VAL D 4 -29.30 2.44 19.49
CA VAL D 4 -28.00 3.03 19.18
C VAL D 4 -27.92 4.37 19.88
N THR D 5 -26.80 4.63 20.55
CA THR D 5 -26.63 5.86 21.30
C THR D 5 -25.33 6.58 20.94
N VAL D 6 -25.34 7.89 21.05
CA VAL D 6 -24.17 8.69 20.76
C VAL D 6 -23.75 9.44 22.02
N PRO D 7 -22.43 9.25 22.42
CA PRO D 7 -22.07 10.00 23.64
C PRO D 7 -22.20 11.49 23.41
N LYS D 8 -21.74 11.96 22.25
CA LYS D 8 -21.84 13.38 21.93
C LYS D 8 -22.57 13.57 20.61
N ASP D 9 -23.70 14.27 20.66
CA ASP D 9 -24.50 14.57 19.48
C ASP D 9 -23.85 15.54 18.51
N LEU D 10 -23.09 16.50 19.06
CA LEU D 10 -22.39 17.51 18.26
C LEU D 10 -20.86 17.49 18.42
N TYR D 11 -20.16 17.52 17.28
CA TYR D 11 -18.70 17.51 17.26
C TYR D 11 -18.11 18.76 16.62
N VAL D 12 -17.10 19.34 17.27
CA VAL D 12 -16.43 20.52 16.73
C VAL D 12 -15.03 20.09 16.31
N VAL D 13 -14.67 20.31 15.05
CA VAL D 13 -13.36 19.92 14.56
C VAL D 13 -12.62 20.99 13.78
N GLU D 14 -11.30 21.04 13.97
CA GLU D 14 -10.44 21.99 13.28
C GLU D 14 -10.22 21.62 11.81
N TYR D 15 -10.13 22.63 10.96
CA TYR D 15 -9.90 22.41 9.54
C TYR D 15 -8.54 21.75 9.36
N GLY D 16 -8.47 20.74 8.49
CA GLY D 16 -7.23 20.04 8.24
C GLY D 16 -6.91 18.92 9.21
N SER D 17 -7.61 18.84 10.34
CA SER D 17 -7.33 17.79 11.31
C SER D 17 -8.18 16.56 11.01
N ASN D 18 -8.03 15.53 11.84
CA ASN D 18 -8.77 14.29 11.67
C ASN D 18 -10.00 14.27 12.56
N MET D 19 -11.02 13.55 12.10
CA MET D 19 -12.35 13.53 12.70
C MET D 19 -12.68 12.10 13.09
N THR D 20 -13.17 11.91 14.32
CA THR D 20 -13.62 10.60 14.78
C THR D 20 -14.95 10.79 15.51
N ILE D 21 -16.03 10.33 14.90
CA ILE D 21 -17.35 10.39 15.50
C ILE D 21 -17.85 8.98 15.76
N GLU D 22 -18.57 8.78 16.86
CA GLU D 22 -18.83 7.43 17.35
C GLU D 22 -20.31 7.24 17.69
N CYS D 23 -20.81 6.06 17.34
CA CYS D 23 -22.15 5.60 17.72
C CYS D 23 -22.02 4.28 18.44
N LYS D 24 -22.68 4.16 19.59
CA LYS D 24 -22.55 2.98 20.42
C LYS D 24 -23.76 2.06 20.24
N PHE D 25 -23.50 0.76 20.18
CA PHE D 25 -24.54 -0.25 20.09
C PHE D 25 -24.18 -1.40 21.02
N PRO D 26 -25.18 -2.14 21.52
CA PRO D 26 -24.91 -3.17 22.54
C PRO D 26 -24.26 -4.41 21.95
N VAL D 27 -23.18 -4.86 22.60
CA VAL D 27 -22.48 -6.09 22.24
C VAL D 27 -22.28 -6.89 23.52
N GLU D 28 -18.97 -12.09 22.51
CA GLU D 28 -18.16 -11.83 21.33
C GLU D 28 -19.00 -11.14 20.26
N LEU D 31 -18.31 -10.52 19.32
CA LEU D 31 -18.98 -9.78 18.24
C LEU D 31 -19.32 -10.70 17.09
N ASP D 32 -20.59 -10.72 16.72
CA ASP D 32 -21.08 -11.52 15.59
C ASP D 32 -20.90 -10.70 14.31
N LEU D 33 -19.79 -10.94 13.62
CA LEU D 33 -19.46 -10.12 12.46
C LEU D 33 -20.35 -10.42 11.26
N ALA D 34 -21.03 -11.56 11.26
CA ALA D 34 -21.96 -11.85 10.17
C ALA D 34 -23.29 -11.13 10.35
N ALA D 35 -23.65 -10.77 11.58
CA ALA D 35 -24.89 -10.05 11.85
C ALA D 35 -24.72 -8.55 11.81
N LEU D 36 -23.49 -8.05 11.95
CA LEU D 36 -23.26 -6.62 12.04
C LEU D 36 -23.32 -5.99 10.65
N ILE D 37 -24.08 -4.90 10.54
CA ILE D 37 -24.10 -4.04 9.36
C ILE D 37 -24.02 -2.59 9.84
N VAL D 38 -23.10 -1.83 9.28
CA VAL D 38 -22.91 -0.43 9.66
C VAL D 38 -22.90 0.42 8.40
N TYR D 39 -23.63 1.53 8.42
CA TYR D 39 -23.62 2.47 7.31
C TYR D 39 -23.54 3.88 7.86
N TRP D 40 -22.49 4.60 7.46
CA TRP D 40 -22.30 6.01 7.79
C TRP D 40 -22.58 6.84 6.54
N GLU D 41 -23.52 7.79 6.66
CA GLU D 41 -23.93 8.61 5.52
C GLU D 41 -24.05 10.07 5.95
N MET D 42 -23.67 10.99 5.07
CA MET D 42 -23.94 12.41 5.30
C MET D 42 -24.52 13.01 4.04
N GLU D 43 -25.53 13.87 4.20
CA GLU D 43 -26.23 14.42 3.07
C GLU D 43 -26.71 13.15 2.39
N ASP D 44 -26.48 13.06 1.08
CA ASP D 44 -26.81 11.86 0.32
C ASP D 44 -25.57 11.06 -0.06
N LYS D 45 -24.48 11.23 0.68
CA LYS D 45 -23.19 10.67 0.31
C LYS D 45 -22.90 9.43 1.13
N ASN D 46 -22.59 8.33 0.43
CA ASN D 46 -22.18 7.08 1.07
C ASN D 46 -20.76 7.26 1.62
N ILE D 47 -20.65 7.43 2.94
CA ILE D 47 -19.33 7.54 3.55
C ILE D 47 -18.71 6.18 3.75
N ILE D 48 -19.32 5.34 4.59
CA ILE D 48 -18.75 4.04 4.90
C ILE D 48 -19.84 2.98 4.94
N GLN D 49 -19.61 1.87 4.24
CA GLN D 49 -20.50 0.72 4.24
C GLN D 49 -19.70 -0.48 4.75
N PHE D 50 -20.17 -1.08 5.85
CA PHE D 50 -19.46 -2.17 6.51
C PHE D 50 -20.39 -3.36 6.64
N VAL D 51 -20.07 -4.42 5.88
CA VAL D 51 -20.82 -5.67 5.88
C VAL D 51 -19.82 -6.82 5.86
N HIS D 52 -20.11 -7.86 6.65
CA HIS D 52 -19.35 -9.11 6.59
C HIS D 52 -17.89 -8.93 7.02
N GLY D 53 -17.69 -8.15 8.08
CA GLY D 53 -16.38 -7.93 8.65
C GLY D 53 -15.41 -7.16 7.80
N GLU D 54 -15.92 -6.54 6.74
CA GLU D 54 -15.06 -5.77 5.85
C GLU D 54 -15.81 -4.56 5.32
N GLU D 55 -15.08 -3.48 5.06
CA GLU D 55 -15.71 -2.29 4.53
C GLU D 55 -16.05 -2.52 3.06
N ASP D 56 -17.28 -2.18 2.69
CA ASP D 56 -17.70 -2.31 1.30
C ASP D 56 -17.53 -0.95 0.62
N LEU D 57 -16.47 -0.82 -0.17
CA LEU D 57 -16.13 0.44 -0.83
C LEU D 57 -16.65 0.66 -2.26
N LYS D 58 -17.43 -0.27 -2.78
CA LYS D 58 -17.95 -0.14 -4.15
C LYS D 58 -18.84 1.08 -4.34
N THR D 59 -19.68 1.38 -3.35
CA THR D 59 -20.61 2.50 -3.42
C THR D 59 -20.15 3.78 -2.70
N GLN D 60 -18.93 3.78 -2.17
CA GLN D 60 -18.39 4.93 -1.46
C GLN D 60 -18.26 6.19 -2.32
N HIS D 61 -18.58 7.34 -1.73
CA HIS D 61 -18.50 8.63 -2.44
C HIS D 61 -17.05 8.93 -2.81
N SER D 62 -16.85 9.59 -3.95
CA SER D 62 -15.49 9.86 -4.42
C SER D 62 -14.69 10.70 -3.44
N SER D 63 -15.35 11.59 -2.70
CA SER D 63 -14.64 12.47 -1.78
C SER D 63 -14.06 11.74 -0.58
N TYR D 64 -14.44 10.48 -0.36
CA TYR D 64 -14.03 9.74 0.84
C TYR D 64 -13.03 8.63 0.56
N ARG D 65 -12.70 8.37 -0.70
CA ARG D 65 -11.75 7.30 -0.95
C ARG D 65 -10.41 7.68 -0.38
N GLN D 66 -9.87 6.80 0.45
CA GLN D 66 -8.57 7.02 1.09
C GLN D 66 -8.67 8.07 2.19
N ARG D 67 -9.89 8.52 2.48
CA ARG D 67 -10.11 9.54 3.50
C ARG D 67 -10.96 9.10 4.68
N ALA D 68 -11.87 8.17 4.44
CA ALA D 68 -12.79 7.72 5.49
C ALA D 68 -12.70 6.24 5.79
N ARG D 69 -12.66 5.92 7.07
CA ARG D 69 -12.59 4.53 7.49
C ARG D 69 -13.37 4.25 8.78
N LEU D 70 -13.80 3.00 8.91
CA LEU D 70 -14.46 2.52 10.11
C LEU D 70 -13.41 1.76 10.93
N LEU D 71 -13.26 2.15 12.20
CA LEU D 71 -12.25 1.56 13.06
C LEU D 71 -12.77 0.22 13.57
N LYS D 72 -12.26 -0.87 12.99
CA LYS D 72 -12.85 -2.18 13.18
C LYS D 72 -12.61 -2.73 14.58
N ASP D 73 -11.46 -2.41 15.18
CA ASP D 73 -11.20 -2.92 16.53
C ASP D 73 -12.18 -2.35 17.54
N GLN D 74 -12.65 -1.12 17.31
CA GLN D 74 -13.67 -0.53 18.18
C GLN D 74 -14.98 -1.29 18.12
N LEU D 75 -15.27 -2.00 17.02
CA LEU D 75 -16.54 -2.69 16.87
C LEU D 75 -16.73 -3.75 17.95
N SER D 76 -15.65 -4.44 18.32
CA SER D 76 -15.75 -5.46 19.36
C SER D 76 -16.18 -4.88 20.70
N LEU D 77 -16.09 -3.56 20.85
CA LEU D 77 -16.57 -2.86 22.04
C LEU D 77 -17.96 -2.28 21.86
N GLY D 78 -18.62 -2.59 20.75
CA GLY D 78 -19.88 -1.93 20.44
C GLY D 78 -19.70 -0.45 20.15
N ASN D 79 -18.69 -0.10 19.37
CA ASN D 79 -18.39 1.30 19.03
C ASN D 79 -18.17 1.38 17.52
N ALA D 80 -19.16 1.90 16.80
CA ALA D 80 -19.00 2.21 15.38
C ALA D 80 -18.37 3.59 15.31
N ALA D 81 -17.07 3.63 14.99
CA ALA D 81 -16.29 4.85 14.99
C ALA D 81 -15.86 5.16 13.57
N LEU D 82 -16.34 6.29 13.05
CA LEU D 82 -15.98 6.76 11.71
C LEU D 82 -14.87 7.79 11.84
N GLN D 83 -13.80 7.60 11.08
CA GLN D 83 -12.64 8.48 11.11
C GLN D 83 -12.36 9.00 9.71
N ILE D 84 -12.34 10.31 9.56
CA ILE D 84 -12.09 10.99 8.30
C ILE D 84 -10.89 11.90 8.45
N THR D 85 -9.89 11.73 7.59
CA THR D 85 -8.68 12.52 7.66
C THR D 85 -8.79 13.75 6.79
N ASP D 86 -8.08 14.82 7.18
CA ASP D 86 -7.96 16.04 6.39
C ASP D 86 -9.33 16.69 6.20
N VAL D 87 -9.87 17.16 7.32
CA VAL D 87 -11.23 17.71 7.32
C VAL D 87 -11.27 19.01 6.54
N LYS D 88 -12.31 19.15 5.71
CA LYS D 88 -12.59 20.37 4.97
C LYS D 88 -13.88 21.00 5.48
N LEU D 89 -14.19 22.19 4.97
CA LEU D 89 -15.42 22.87 5.36
C LEU D 89 -16.65 22.07 4.94
N GLN D 90 -16.60 21.45 3.76
CA GLN D 90 -17.74 20.68 3.26
C GLN D 90 -18.03 19.44 4.09
N ASP D 91 -17.13 19.06 5.01
CA ASP D 91 -17.38 17.95 5.91
C ASP D 91 -18.31 18.32 7.06
N ALA D 92 -18.71 19.58 7.17
CA ALA D 92 -19.64 19.98 8.22
C ALA D 92 -21.06 19.60 7.84
N GLY D 93 -21.87 19.29 8.84
CA GLY D 93 -23.26 18.99 8.60
C GLY D 93 -23.74 17.82 9.44
N VAL D 94 -24.83 17.20 9.00
CA VAL D 94 -25.47 16.13 9.75
C VAL D 94 -25.03 14.79 9.18
N TYR D 95 -24.58 13.90 10.06
CA TYR D 95 -24.20 12.53 9.74
C TYR D 95 -25.20 11.59 10.38
N ARG D 96 -25.44 10.46 9.71
CA ARG D 96 -26.34 9.43 10.18
C ARG D 96 -25.55 8.13 10.30
N CYS D 97 -25.58 7.53 11.49
CA CYS D 97 -25.04 6.20 11.69
C CYS D 97 -26.21 5.23 11.79
N MET D 98 -26.26 4.27 10.87
CA MET D 98 -27.28 3.22 10.84
C MET D 98 -26.62 1.89 11.17
N ILE D 99 -27.18 1.17 12.14
CA ILE D 99 -26.56 -0.06 12.62
C ILE D 99 -27.62 -1.13 12.74
N SER D 100 -27.33 -2.29 12.16
CA SER D 100 -28.15 -3.50 12.31
C SER D 100 -27.30 -4.56 12.98
N TYR D 101 -27.76 -5.06 14.13
CA TYR D 101 -27.07 -6.11 14.88
C TYR D 101 -28.14 -6.88 15.65
N GLY D 102 -28.82 -7.77 14.93
CA GLY D 102 -30.06 -8.34 15.44
C GLY D 102 -31.16 -7.32 15.29
N GLY D 103 -31.27 -6.40 16.25
CA GLY D 103 -32.11 -5.24 16.07
C GLY D 103 -31.42 -4.21 15.17
N ALA D 104 -32.13 -3.11 14.94
CA ALA D 104 -31.61 -2.07 14.06
C ALA D 104 -32.06 -0.71 14.57
N ASP D 105 -31.17 0.27 14.47
CA ASP D 105 -31.46 1.63 14.89
C ASP D 105 -30.50 2.56 14.18
N TYR D 106 -30.65 3.87 14.42
CA TYR D 106 -29.77 4.85 13.81
C TYR D 106 -29.89 6.15 14.57
N LYS D 107 -28.83 6.95 14.48
CA LYS D 107 -28.79 8.24 15.17
C LYS D 107 -28.12 9.28 14.30
N ARG D 108 -28.31 10.54 14.68
CA ARG D 108 -27.76 11.70 13.99
C ARG D 108 -26.68 12.36 14.83
N ILE D 109 -25.65 12.86 14.16
CA ILE D 109 -24.55 13.59 14.77
C ILE D 109 -24.31 14.84 13.95
N THR D 110 -24.13 15.98 14.62
CA THR D 110 -23.80 17.22 13.91
C THR D 110 -22.30 17.48 14.04
N VAL D 111 -21.68 17.90 12.93
CA VAL D 111 -20.26 18.20 12.91
C VAL D 111 -20.08 19.63 12.45
N LYS D 112 -19.48 20.45 13.31
CA LYS D 112 -19.03 21.80 12.98
C LYS D 112 -17.54 21.79 12.67
N VAL D 113 -17.14 22.63 11.73
CA VAL D 113 -15.73 22.77 11.37
C VAL D 113 -15.30 24.21 11.64
N ASN D 114 -14.24 24.36 12.42
CA ASN D 114 -13.62 25.66 12.63
C ASN D 114 -12.60 25.89 11.51
N ALA D 115 -12.73 27.01 10.80
CA ALA D 115 -11.80 27.36 9.74
C ALA D 115 -10.45 27.76 10.33
N PRO D 116 -9.39 27.75 9.52
CA PRO D 116 -8.05 27.98 10.07
C PRO D 116 -7.87 29.28 10.85
N TYR D 117 -8.62 30.33 10.53
CA TYR D 117 -8.46 31.61 11.22
C TYR D 117 -9.63 31.94 12.12
N ALA D 118 -10.41 30.94 12.52
CA ALA D 118 -11.49 31.18 13.46
C ALA D 118 -10.95 31.69 14.79
N ALA D 119 -9.78 31.21 15.22
CA ALA D 119 -9.15 31.71 16.43
C ALA D 119 -8.75 33.16 16.27
N ALA D 120 -8.23 33.53 15.09
CA ALA D 120 -7.88 34.92 14.84
C ALA D 120 -9.13 35.80 14.72
N LEU D 121 -10.15 35.30 14.03
CA LEU D 121 -11.43 35.99 13.96
C LEU D 121 -12.15 36.02 15.31
N HIS D 122 -11.61 35.36 16.33
CA HIS D 122 -12.10 35.47 17.70
C HIS D 122 -11.24 36.37 18.57
N GLU D 123 -9.91 36.31 18.43
CA GLU D 123 -9.01 37.16 19.19
C GLU D 123 -9.08 38.61 18.71
N PHE E 2 9.68 -1.66 -2.10
CA PHE E 2 10.42 -0.59 -2.80
C PHE E 2 9.62 0.71 -2.57
N ASP E 6 7.53 7.85 -7.18
CA ASP E 6 7.14 7.20 -8.44
C ASP E 6 8.28 6.68 -9.30
N VAL E 7 9.55 6.68 -8.82
CA VAL E 7 10.74 6.20 -9.59
C VAL E 7 10.48 5.05 -10.58
N TYR E 9 7.36 3.27 -10.83
CA TYR E 9 5.96 2.98 -10.54
C TYR E 9 5.35 1.90 -11.44
N TRP E 11 6.37 -1.21 -11.98
CA TRP E 11 7.32 -2.22 -12.44
C TRP E 11 7.70 -3.19 -11.32
N TYR E 12 7.59 -2.73 -10.07
CA TYR E 12 7.88 -3.50 -8.87
C TYR E 12 6.67 -4.10 -8.18
N LEU E 13 6.91 -5.22 -7.50
CA LEU E 13 5.95 -6.01 -6.74
C LEU E 13 6.17 -5.76 -5.24
N CYS E 14 7.35 -5.32 -4.76
CA CYS E 14 7.56 -5.03 -3.33
C CYS E 14 6.62 -3.87 -2.92
N LYS E 15 5.31 -4.04 -3.11
CA LYS E 15 4.28 -3.04 -2.80
C LYS E 15 4.12 -2.92 -1.25
N PHE F 2 -3.82 3.53 27.48
CA PHE F 2 -3.06 4.59 26.77
C PHE F 2 -3.86 5.89 26.97
N ASP F 6 -6.02 13.16 22.38
CA ASP F 6 -6.45 12.61 21.09
C ASP F 6 -5.35 12.07 20.16
N VAL F 7 -4.09 11.95 20.61
CA VAL F 7 -2.95 11.46 19.80
C VAL F 7 -3.28 10.30 18.84
N TYR F 9 -6.38 8.61 18.66
CA TYR F 9 -7.79 8.37 18.97
C TYR F 9 -8.47 7.26 18.13
N TRP F 11 -7.49 4.18 17.47
CA TRP F 11 -6.51 3.23 16.92
C TRP F 11 -6.13 2.15 17.95
N TYR F 12 -6.27 2.48 19.24
CA TYR F 12 -5.96 1.62 20.38
C TYR F 12 -7.19 1.14 21.16
N LEU F 13 -6.94 0.18 22.04
CA LEU F 13 -7.92 -0.48 22.92
C LEU F 13 -7.59 -0.27 24.40
N CYS F 14 -6.37 0.11 24.78
CA CYS F 14 -6.05 0.30 26.20
C CYS F 14 -6.88 1.41 26.86
N LYS F 15 -7.55 1.10 27.98
CA LYS F 15 -8.40 2.05 28.72
C LYS F 15 -7.94 2.21 30.21
N PHE G 2 -13.42 -1.45 -30.61
CA PHE G 2 -13.32 -2.63 -29.72
C PHE G 2 -14.25 -3.71 -30.31
N ASP G 6 -20.47 -9.59 -27.52
CA ASP G 6 -21.22 -8.85 -26.51
C ASP G 6 -20.45 -8.60 -25.20
N VAL G 7 -19.14 -8.89 -25.14
CA VAL G 7 -18.28 -8.72 -23.93
C VAL G 7 -18.46 -7.42 -23.13
N TYR G 9 -20.38 -4.69 -24.24
CA TYR G 9 -21.44 -4.04 -25.01
C TYR G 9 -22.01 -2.72 -24.46
N TRP G 11 -20.54 -0.05 -23.25
CA TRP G 11 -19.57 0.62 -22.38
C TRP G 11 -18.44 1.29 -23.16
N TYR G 12 -18.17 0.87 -24.40
CA TYR G 12 -17.12 1.46 -25.23
C TYR G 12 -17.62 2.23 -26.45
N LEU G 13 -16.84 3.22 -26.86
CA LEU G 13 -17.10 4.12 -28.00
C LEU G 13 -16.27 3.71 -29.25
N CYS G 14 -15.24 2.88 -29.16
CA CYS G 14 -14.50 2.49 -30.37
C CYS G 14 -15.41 1.62 -31.26
N LYS G 15 -15.81 2.10 -32.44
CA LYS G 15 -16.68 1.34 -33.34
C LYS G 15 -16.03 0.97 -34.70
N PHE H 2 -26.82 3.85 -1.25
CA PHE H 2 -26.80 2.68 -0.34
C PHE H 2 -27.81 1.66 -0.92
N ASP H 6 -33.95 -4.16 1.66
CA ASP H 6 -34.71 -3.53 2.73
C ASP H 6 -33.93 -3.11 3.98
N VAL H 7 -32.66 -3.51 4.14
CA VAL H 7 -31.79 -3.21 5.31
C VAL H 7 -32.05 -1.88 6.07
N TYR H 9 -34.06 0.75 4.91
CA TYR H 9 -35.06 1.40 4.06
C TYR H 9 -35.74 2.63 4.68
N TRP H 11 -34.35 5.35 5.94
CA TRP H 11 -33.42 6.07 6.81
C TRP H 11 -32.29 6.76 6.04
N TYR H 12 -32.01 6.33 4.79
CA TYR H 12 -30.97 6.92 3.97
C TYR H 12 -31.45 7.71 2.76
N LEU H 13 -30.57 8.63 2.33
CA LEU H 13 -30.73 9.55 1.20
C LEU H 13 -29.96 9.03 -0.02
N CYS H 14 -28.90 8.25 0.10
CA CYS H 14 -28.18 7.73 -1.07
C CYS H 14 -29.10 6.81 -1.90
N LYS H 15 -30.19 7.37 -2.42
CA LYS H 15 -31.21 6.70 -3.22
C LYS H 15 -30.71 6.42 -4.67
#